data_7N8R
# 
_entry.id   7N8R 
# 
_audit_conform.dict_name       mmcif_pdbx.dic 
_audit_conform.dict_version    5.392 
_audit_conform.dict_location   http://mmcif.pdb.org/dictionaries/ascii/mmcif_pdbx.dic 
# 
loop_
_database_2.database_id 
_database_2.database_code 
_database_2.pdbx_database_accession 
_database_2.pdbx_DOI 
PDB   7N8R         pdb_00007n8r 10.2210/pdb7n8r/pdb 
WWPDB D_1000257555 ?            ?                   
# 
loop_
_pdbx_audit_revision_history.ordinal 
_pdbx_audit_revision_history.data_content_type 
_pdbx_audit_revision_history.major_revision 
_pdbx_audit_revision_history.minor_revision 
_pdbx_audit_revision_history.revision_date 
1 'Structure model' 1 0 2022-02-16 
2 'Structure model' 1 1 2022-03-09 
3 'Structure model' 1 2 2024-05-22 
# 
_pdbx_audit_revision_details.ordinal             1 
_pdbx_audit_revision_details.revision_ordinal    1 
_pdbx_audit_revision_details.data_content_type   'Structure model' 
_pdbx_audit_revision_details.provider            repository 
_pdbx_audit_revision_details.type                'Initial release' 
_pdbx_audit_revision_details.description         ? 
_pdbx_audit_revision_details.details             ? 
# 
loop_
_pdbx_audit_revision_group.ordinal 
_pdbx_audit_revision_group.revision_ordinal 
_pdbx_audit_revision_group.data_content_type 
_pdbx_audit_revision_group.group 
1 2 'Structure model' 'Database references' 
2 3 'Structure model' 'Data collection'     
# 
loop_
_pdbx_audit_revision_category.ordinal 
_pdbx_audit_revision_category.revision_ordinal 
_pdbx_audit_revision_category.data_content_type 
_pdbx_audit_revision_category.category 
1 2 'Structure model' citation        
2 2 'Structure model' citation_author 
3 3 'Structure model' chem_comp_atom  
4 3 'Structure model' chem_comp_bond  
# 
loop_
_pdbx_audit_revision_item.ordinal 
_pdbx_audit_revision_item.revision_ordinal 
_pdbx_audit_revision_item.data_content_type 
_pdbx_audit_revision_item.item 
1 2 'Structure model' '_citation.journal_volume'          
2 2 'Structure model' '_citation.page_first'              
3 2 'Structure model' '_citation.page_last'               
4 2 'Structure model' '_citation_author.identifier_ORCID' 
# 
_pdbx_database_status.status_code                     REL 
_pdbx_database_status.status_code_sf                  REL 
_pdbx_database_status.status_code_mr                  ? 
_pdbx_database_status.entry_id                        7N8R 
_pdbx_database_status.recvd_initial_deposition_date   2021-06-15 
_pdbx_database_status.SG_entry                        N 
_pdbx_database_status.deposit_site                    RCSB 
_pdbx_database_status.process_site                    RCSB 
_pdbx_database_status.status_code_cs                  ? 
_pdbx_database_status.status_code_nmr_data            ? 
_pdbx_database_status.methods_development_category    ? 
_pdbx_database_status.pdb_format_compatible           Y 
# 
loop_
_audit_author.name 
_audit_author.pdbx_ordinal 
_audit_author.identifier_ORCID 
'Hughes, M.P.'    1 0000-0002-6239-4151 
'Sawaya, M.R.'    2 0000-0003-0874-9043 
'Eisenberg, D.S.' 3 0000-0003-2432-5419 
# 
_citation.abstract                  ? 
_citation.abstract_id_CAS           ? 
_citation.book_id_ISBN              ? 
_citation.book_publisher            ? 
_citation.book_publisher_city       ? 
_citation.book_title                ? 
_citation.coordinate_linkage        ? 
_citation.country                   US 
_citation.database_id_Medline       ? 
_citation.details                   ? 
_citation.id                        primary 
_citation.journal_abbrev            'Acs Nano' 
_citation.journal_id_ASTM           ? 
_citation.journal_id_CSD            ? 
_citation.journal_id_ISSN           1936-086X 
_citation.journal_full              ? 
_citation.journal_issue             ? 
_citation.journal_volume            16 
_citation.language                  ? 
_citation.page_first                2154 
_citation.page_last                 2163 
_citation.title                     'Extended beta-Strands Contribute to Reversible Amyloid Formation.' 
_citation.year                      2022 
_citation.database_id_CSD           ? 
_citation.pdbx_database_id_DOI      10.1021/acsnano.1c08043 
_citation.pdbx_database_id_PubMed   35132852 
_citation.pdbx_database_id_patent   ? 
_citation.unpublished_flag          ? 
# 
loop_
_citation_author.citation_id 
_citation_author.name 
_citation_author.ordinal 
_citation_author.identifier_ORCID 
primary 'Murray, K.A.'  1 ? 
primary 'Evans, D.'     2 ? 
primary 'Hughes, M.P.'  3 ? 
primary 'Sawaya, M.R.'  4 ? 
primary 'Hu, C.J.'      5 ? 
primary 'Houk, K.N.'    6 ? 
primary 'Eisenberg, D.' 7 ? 
# 
loop_
_entity.id 
_entity.type 
_entity.src_method 
_entity.pdbx_description 
_entity.formula_weight 
_entity.pdbx_number_of_molecules 
_entity.pdbx_ec 
_entity.pdbx_mutation 
_entity.pdbx_fragment 
_entity.details 
1 polymer     syn 'FGTGFG segment from the Nucleoporin p54, residues 63-68' 584.622 2 ? ? FGTGFG ? 
2 non-polymer syn 'trifluoroacetic acid'                                    114.023 1 ? ? ?      ? 
3 water       nat water                                                     18.015  2 ? ? ?      ? 
# 
_entity_poly.entity_id                      1 
_entity_poly.type                           'polypeptide(L)' 
_entity_poly.nstd_linkage                   no 
_entity_poly.nstd_monomer                   no 
_entity_poly.pdbx_seq_one_letter_code       FGTGFG 
_entity_poly.pdbx_seq_one_letter_code_can   FGTGFG 
_entity_poly.pdbx_strand_id                 A,B 
_entity_poly.pdbx_target_identifier         ? 
# 
loop_
_pdbx_entity_nonpoly.entity_id 
_pdbx_entity_nonpoly.name 
_pdbx_entity_nonpoly.comp_id 
2 'trifluoroacetic acid' TFA 
3 water                  HOH 
# 
loop_
_entity_poly_seq.entity_id 
_entity_poly_seq.num 
_entity_poly_seq.mon_id 
_entity_poly_seq.hetero 
1 1 PHE n 
1 2 GLY n 
1 3 THR n 
1 4 GLY n 
1 5 PHE n 
1 6 GLY n 
# 
_pdbx_entity_src_syn.entity_id              1 
_pdbx_entity_src_syn.pdbx_src_id            1 
_pdbx_entity_src_syn.pdbx_alt_source_flag   sample 
_pdbx_entity_src_syn.pdbx_beg_seq_num       1 
_pdbx_entity_src_syn.pdbx_end_seq_num       6 
_pdbx_entity_src_syn.organism_scientific    'Homo sapiens' 
_pdbx_entity_src_syn.organism_common_name   ? 
_pdbx_entity_src_syn.ncbi_taxonomy_id       9606 
_pdbx_entity_src_syn.details                ? 
# 
loop_
_chem_comp.id 
_chem_comp.type 
_chem_comp.mon_nstd_flag 
_chem_comp.name 
_chem_comp.pdbx_synonyms 
_chem_comp.formula 
_chem_comp.formula_weight 
GLY 'peptide linking'   y GLYCINE                ? 'C2 H5 N O2'  75.067  
HOH non-polymer         . WATER                  ? 'H2 O'        18.015  
PHE 'L-peptide linking' y PHENYLALANINE          ? 'C9 H11 N O2' 165.189 
TFA non-polymer         . 'trifluoroacetic acid' ? 'C2 H F3 O2'  114.023 
THR 'L-peptide linking' y THREONINE              ? 'C4 H9 N O3'  119.119 
# 
loop_
_pdbx_poly_seq_scheme.asym_id 
_pdbx_poly_seq_scheme.entity_id 
_pdbx_poly_seq_scheme.seq_id 
_pdbx_poly_seq_scheme.mon_id 
_pdbx_poly_seq_scheme.ndb_seq_num 
_pdbx_poly_seq_scheme.pdb_seq_num 
_pdbx_poly_seq_scheme.auth_seq_num 
_pdbx_poly_seq_scheme.pdb_mon_id 
_pdbx_poly_seq_scheme.auth_mon_id 
_pdbx_poly_seq_scheme.pdb_strand_id 
_pdbx_poly_seq_scheme.pdb_ins_code 
_pdbx_poly_seq_scheme.hetero 
A 1 1 PHE 1 63 63 PHE PHE A . n 
A 1 2 GLY 2 64 64 GLY GLY A . n 
A 1 3 THR 3 65 65 THR THR A . n 
A 1 4 GLY 4 66 66 GLY GLY A . n 
A 1 5 PHE 5 67 67 PHE PHE A . n 
A 1 6 GLY 6 68 68 GLY GLY A . n 
B 1 1 PHE 1 63 63 PHE PHE B . n 
B 1 2 GLY 2 64 64 GLY GLY B . n 
B 1 3 THR 3 65 65 THR THR B . n 
B 1 4 GLY 4 66 66 GLY GLY B . n 
B 1 5 PHE 5 67 67 PHE PHE B . n 
B 1 6 GLY 6 68 68 GLY GLY B . n 
# 
loop_
_pdbx_nonpoly_scheme.asym_id 
_pdbx_nonpoly_scheme.entity_id 
_pdbx_nonpoly_scheme.mon_id 
_pdbx_nonpoly_scheme.ndb_seq_num 
_pdbx_nonpoly_scheme.pdb_seq_num 
_pdbx_nonpoly_scheme.auth_seq_num 
_pdbx_nonpoly_scheme.pdb_mon_id 
_pdbx_nonpoly_scheme.auth_mon_id 
_pdbx_nonpoly_scheme.pdb_strand_id 
_pdbx_nonpoly_scheme.pdb_ins_code 
C 2 TFA 1 101 1 TFA TFA B . 
D 3 HOH 1 101 2 HOH HOH A . 
E 3 HOH 1 201 3 HOH HOH B . 
# 
loop_
_software.citation_id 
_software.classification 
_software.compiler_name 
_software.compiler_version 
_software.contact_author 
_software.contact_author_email 
_software.date 
_software.description 
_software.dependencies 
_software.hardware 
_software.language 
_software.location 
_software.mods 
_software.name 
_software.os 
_software.os_version 
_software.type 
_software.version 
_software.pdbx_ordinal 
? 'data reduction'  ? ? 'Wolfgang Kabsch'    Wolfgang.Kabsch@mpimf-heidelberg.mpg.de ? ? ? ? ?          
http://www.mpimf-heidelberg.mpg.de/~kabsch/xds/                             ? XDS         ? ? package .        1 
? 'data scaling'    ? ? 'Wolfgang Kabsch'    ?                                       ? ? ? ? ?          
http://www.mpimf-heidelberg.mpg.de/~kabsch/xds/html_doc/xscale_program.html ? XSCALE      ? ? package .        2 
? phasing           ? ? 'Randy J. Read'      cimr-phaser@lists.cam.ac.uk             
'Mon Jan 11 23:23:46 2021 (svn 8475) (git usage:, 68a2d17... )' ? ? ? ?          http://www-structmed.cimr.cam.ac.uk/phaser/ ? 
PHASER      ? ? program 2.8.3    3 
? refinement        ? ? 'Garib N. Murshudov' garib@ysbl.york.ac.uk                   ? ? ? ? Fortran_77 
http://www.ccp4.ac.uk/dist/html/refmac5.html                                ? REFMAC      ? ? program 5.8.0267 4 
? 'data extraction' ? ? PDB                  deposit@deposit.rcsb.org                'Oct. 31, 2020' ? ? ? C++        
http://sw-tools.pdb.org/apps/PDB_EXTRACT/                                   ? PDB_EXTRACT ? ? package 3.27     5 
# 
_cell.angle_alpha                  90.000 
_cell.angle_alpha_esd              ? 
_cell.angle_beta                   108.520 
_cell.angle_beta_esd               ? 
_cell.angle_gamma                  90.000 
_cell.angle_gamma_esd              ? 
_cell.entry_id                     7N8R 
_cell.details                      ? 
_cell.formula_units_Z              ? 
_cell.length_a                     15.710 
_cell.length_a_esd                 ? 
_cell.length_b                     9.400 
_cell.length_b_esd                 ? 
_cell.length_c                     23.260 
_cell.length_c_esd                 ? 
_cell.volume                       ? 
_cell.volume_esd                   ? 
_cell.Z_PDB                        4 
_cell.reciprocal_angle_alpha       ? 
_cell.reciprocal_angle_beta        ? 
_cell.reciprocal_angle_gamma       ? 
_cell.reciprocal_angle_alpha_esd   ? 
_cell.reciprocal_angle_beta_esd    ? 
_cell.reciprocal_angle_gamma_esd   ? 
_cell.reciprocal_length_a          ? 
_cell.reciprocal_length_b          ? 
_cell.reciprocal_length_c          ? 
_cell.reciprocal_length_a_esd      ? 
_cell.reciprocal_length_b_esd      ? 
_cell.reciprocal_length_c_esd      ? 
_cell.pdbx_unique_axis             ? 
# 
_symmetry.entry_id                         7N8R 
_symmetry.cell_setting                     ? 
_symmetry.Int_Tables_number                4 
_symmetry.space_group_name_Hall            ? 
_symmetry.space_group_name_H-M             'P 1 21 1' 
_symmetry.pdbx_full_space_group_name_H-M   ? 
# 
_exptl.absorpt_coefficient_mu     ? 
_exptl.absorpt_correction_T_max   ? 
_exptl.absorpt_correction_T_min   ? 
_exptl.absorpt_correction_type    ? 
_exptl.absorpt_process_details    ? 
_exptl.entry_id                   7N8R 
_exptl.crystals_number            1 
_exptl.details                    ? 
_exptl.method                     'X-RAY DIFFRACTION' 
_exptl.method_details             ? 
# 
_exptl_crystal.colour                      ? 
_exptl_crystal.density_diffrn              ? 
_exptl_crystal.density_Matthews            ? 
_exptl_crystal.density_method              ? 
_exptl_crystal.density_percent_sol         ? 
_exptl_crystal.description                 ? 
_exptl_crystal.F_000                       ? 
_exptl_crystal.id                          1 
_exptl_crystal.preparation                 ? 
_exptl_crystal.size_max                    ? 
_exptl_crystal.size_mid                    ? 
_exptl_crystal.size_min                    ? 
_exptl_crystal.size_rad                    ? 
_exptl_crystal.colour_lustre               ? 
_exptl_crystal.colour_modifier             ? 
_exptl_crystal.colour_primary              ? 
_exptl_crystal.density_meas                ? 
_exptl_crystal.density_meas_esd            ? 
_exptl_crystal.density_meas_gt             ? 
_exptl_crystal.density_meas_lt             ? 
_exptl_crystal.density_meas_temp           ? 
_exptl_crystal.density_meas_temp_esd       ? 
_exptl_crystal.density_meas_temp_gt        ? 
_exptl_crystal.density_meas_temp_lt        ? 
_exptl_crystal.pdbx_crystal_image_url      ? 
_exptl_crystal.pdbx_crystal_image_format   ? 
_exptl_crystal.pdbx_mosaicity              ? 
_exptl_crystal.pdbx_mosaicity_esd          ? 
# 
_exptl_crystal_grow.apparatus       ? 
_exptl_crystal_grow.atmosphere      ? 
_exptl_crystal_grow.crystal_id      1 
_exptl_crystal_grow.details         ? 
_exptl_crystal_grow.method          'VAPOR DIFFUSION, HANGING DROP' 
_exptl_crystal_grow.method_ref      ? 
_exptl_crystal_grow.pH              5.0 
_exptl_crystal_grow.pressure        ? 
_exptl_crystal_grow.pressure_esd    ? 
_exptl_crystal_grow.seeding         ? 
_exptl_crystal_grow.seeding_ref     ? 
_exptl_crystal_grow.temp            298 
_exptl_crystal_grow.temp_details    ? 
_exptl_crystal_grow.temp_esd        ? 
_exptl_crystal_grow.time            ? 
_exptl_crystal_grow.pdbx_details    'ammonium sulfate' 
_exptl_crystal_grow.pdbx_pH_range   ? 
# 
_diffrn.ambient_environment              ? 
_diffrn.ambient_temp                     100 
_diffrn.ambient_temp_details             ? 
_diffrn.ambient_temp_esd                 ? 
_diffrn.crystal_id                       1 
_diffrn.crystal_support                  ? 
_diffrn.crystal_treatment                ? 
_diffrn.details                          ? 
_diffrn.id                               1 
_diffrn.ambient_pressure                 ? 
_diffrn.ambient_pressure_esd             ? 
_diffrn.ambient_pressure_gt              ? 
_diffrn.ambient_pressure_lt              ? 
_diffrn.ambient_temp_gt                  ? 
_diffrn.ambient_temp_lt                  ? 
_diffrn.pdbx_serial_crystal_experiment   N 
# 
_diffrn_detector.details                      ? 
_diffrn_detector.detector                     CCD 
_diffrn_detector.diffrn_id                    1 
_diffrn_detector.type                         'ADSC QUANTUM 315' 
_diffrn_detector.area_resol_mean              ? 
_diffrn_detector.dtime                        ? 
_diffrn_detector.pdbx_frames_total            ? 
_diffrn_detector.pdbx_collection_time_total   ? 
_diffrn_detector.pdbx_collection_date         2017-07-22 
_diffrn_detector.pdbx_frequency               ? 
# 
_diffrn_radiation.collimation                      ? 
_diffrn_radiation.diffrn_id                        1 
_diffrn_radiation.filter_edge                      ? 
_diffrn_radiation.inhomogeneity                    ? 
_diffrn_radiation.monochromator                    'Si (111)' 
_diffrn_radiation.polarisn_norm                    ? 
_diffrn_radiation.polarisn_ratio                   ? 
_diffrn_radiation.probe                            ? 
_diffrn_radiation.type                             ? 
_diffrn_radiation.xray_symbol                      ? 
_diffrn_radiation.wavelength_id                    1 
_diffrn_radiation.pdbx_monochromatic_or_laue_m_l   M 
_diffrn_radiation.pdbx_wavelength_list             ? 
_diffrn_radiation.pdbx_wavelength                  ? 
_diffrn_radiation.pdbx_diffrn_protocol             'SINGLE WAVELENGTH' 
_diffrn_radiation.pdbx_analyzer                    ? 
_diffrn_radiation.pdbx_scattering_type             x-ray 
# 
_diffrn_radiation_wavelength.id           1 
_diffrn_radiation_wavelength.wavelength   0.9792 
_diffrn_radiation_wavelength.wt           1.0 
# 
_diffrn_source.current                     ? 
_diffrn_source.details                     ? 
_diffrn_source.diffrn_id                   1 
_diffrn_source.power                       ? 
_diffrn_source.size                        ? 
_diffrn_source.source                      SYNCHROTRON 
_diffrn_source.target                      ? 
_diffrn_source.type                        'APS BEAMLINE 24-ID-E' 
_diffrn_source.voltage                     ? 
_diffrn_source.take-off_angle              ? 
_diffrn_source.pdbx_wavelength_list        0.9792 
_diffrn_source.pdbx_wavelength             ? 
_diffrn_source.pdbx_synchrotron_beamline   24-ID-E 
_diffrn_source.pdbx_synchrotron_site       APS 
# 
_reflns.B_iso_Wilson_estimate                          11.597 
_reflns.entry_id                                       7N8R 
_reflns.data_reduction_details                         ? 
_reflns.data_reduction_method                          ? 
_reflns.d_resolution_high                              1.200 
_reflns.d_resolution_low                               22.060 
_reflns.details                                        ? 
_reflns.limit_h_max                                    ? 
_reflns.limit_h_min                                    ? 
_reflns.limit_k_max                                    ? 
_reflns.limit_k_min                                    ? 
_reflns.limit_l_max                                    ? 
_reflns.limit_l_min                                    ? 
_reflns.number_all                                     ? 
_reflns.number_obs                                     2137 
_reflns.observed_criterion                             ? 
_reflns.observed_criterion_F_max                       ? 
_reflns.observed_criterion_F_min                       ? 
_reflns.observed_criterion_I_max                       ? 
_reflns.observed_criterion_I_min                       ? 
_reflns.observed_criterion_sigma_F                     ? 
_reflns.observed_criterion_sigma_I                     ? 
_reflns.percent_possible_obs                           98.800 
_reflns.R_free_details                                 ? 
_reflns.Rmerge_F_all                                   ? 
_reflns.Rmerge_F_obs                                   ? 
_reflns.Friedel_coverage                               ? 
_reflns.number_gt                                      ? 
_reflns.threshold_expression                           ? 
_reflns.pdbx_redundancy                                3.969 
_reflns.pdbx_Rmerge_I_obs                              0.186 
_reflns.pdbx_Rmerge_I_all                              ? 
_reflns.pdbx_Rsym_value                                ? 
_reflns.pdbx_netI_over_av_sigmaI                       ? 
_reflns.pdbx_netI_over_sigmaI                          5.430 
_reflns.pdbx_res_netI_over_av_sigmaI_2                 ? 
_reflns.pdbx_res_netI_over_sigmaI_2                    ? 
_reflns.pdbx_chi_squared                               0.819 
_reflns.pdbx_scaling_rejects                           3 
_reflns.pdbx_d_res_high_opt                            ? 
_reflns.pdbx_d_res_low_opt                             ? 
_reflns.pdbx_d_res_opt_method                          ? 
_reflns.phase_calculation_details                      ? 
_reflns.pdbx_Rrim_I_all                                0.215 
_reflns.pdbx_Rpim_I_all                                ? 
_reflns.pdbx_d_opt                                     ? 
_reflns.pdbx_number_measured_all                       8482 
_reflns.pdbx_diffrn_id                                 1 
_reflns.pdbx_ordinal                                   1 
_reflns.pdbx_CC_half                                   0.972 
_reflns.pdbx_CC_star                                   ? 
_reflns.pdbx_R_split                                   ? 
_reflns.pdbx_aniso_diffraction_limit_axis_1_ortho[1]   ? 
_reflns.pdbx_aniso_diffraction_limit_axis_1_ortho[2]   ? 
_reflns.pdbx_aniso_diffraction_limit_axis_1_ortho[3]   ? 
_reflns.pdbx_aniso_diffraction_limit_axis_2_ortho[1]   ? 
_reflns.pdbx_aniso_diffraction_limit_axis_2_ortho[2]   ? 
_reflns.pdbx_aniso_diffraction_limit_axis_2_ortho[3]   ? 
_reflns.pdbx_aniso_diffraction_limit_axis_3_ortho[1]   ? 
_reflns.pdbx_aniso_diffraction_limit_axis_3_ortho[2]   ? 
_reflns.pdbx_aniso_diffraction_limit_axis_3_ortho[3]   ? 
_reflns.pdbx_aniso_diffraction_limit_1                 ? 
_reflns.pdbx_aniso_diffraction_limit_2                 ? 
_reflns.pdbx_aniso_diffraction_limit_3                 ? 
_reflns.pdbx_aniso_B_tensor_eigenvector_1_ortho[1]     ? 
_reflns.pdbx_aniso_B_tensor_eigenvector_1_ortho[2]     ? 
_reflns.pdbx_aniso_B_tensor_eigenvector_1_ortho[3]     ? 
_reflns.pdbx_aniso_B_tensor_eigenvector_2_ortho[1]     ? 
_reflns.pdbx_aniso_B_tensor_eigenvector_2_ortho[2]     ? 
_reflns.pdbx_aniso_B_tensor_eigenvector_2_ortho[3]     ? 
_reflns.pdbx_aniso_B_tensor_eigenvector_3_ortho[1]     ? 
_reflns.pdbx_aniso_B_tensor_eigenvector_3_ortho[2]     ? 
_reflns.pdbx_aniso_B_tensor_eigenvector_3_ortho[3]     ? 
_reflns.pdbx_aniso_B_tensor_eigenvalue_1               ? 
_reflns.pdbx_aniso_B_tensor_eigenvalue_2               ? 
_reflns.pdbx_aniso_B_tensor_eigenvalue_3               ? 
_reflns.pdbx_orthogonalization_convention              ? 
_reflns.pdbx_percent_possible_ellipsoidal              ? 
_reflns.pdbx_percent_possible_spherical                ? 
_reflns.pdbx_percent_possible_ellipsoidal_anomalous    ? 
_reflns.pdbx_percent_possible_spherical_anomalous      ? 
_reflns.pdbx_redundancy_anomalous                      ? 
_reflns.pdbx_CC_half_anomalous                         ? 
_reflns.pdbx_absDiff_over_sigma_anomalous              ? 
_reflns.pdbx_percent_possible_anomalous                ? 
_reflns.pdbx_observed_signal_threshold                 ? 
_reflns.pdbx_signal_type                               ? 
_reflns.pdbx_signal_details                            ? 
_reflns.pdbx_signal_software_id                        ? 
# 
loop_
_reflns_shell.d_res_high 
_reflns_shell.d_res_low 
_reflns_shell.meanI_over_sigI_all 
_reflns_shell.meanI_over_sigI_obs 
_reflns_shell.number_measured_all 
_reflns_shell.number_measured_obs 
_reflns_shell.number_possible 
_reflns_shell.number_unique_all 
_reflns_shell.number_unique_obs 
_reflns_shell.percent_possible_all 
_reflns_shell.percent_possible_obs 
_reflns_shell.Rmerge_F_all 
_reflns_shell.Rmerge_F_obs 
_reflns_shell.Rmerge_I_all 
_reflns_shell.Rmerge_I_obs 
_reflns_shell.meanI_over_sigI_gt 
_reflns_shell.meanI_over_uI_all 
_reflns_shell.meanI_over_uI_gt 
_reflns_shell.number_measured_gt 
_reflns_shell.number_unique_gt 
_reflns_shell.percent_possible_gt 
_reflns_shell.Rmerge_F_gt 
_reflns_shell.Rmerge_I_gt 
_reflns_shell.pdbx_redundancy 
_reflns_shell.pdbx_Rsym_value 
_reflns_shell.pdbx_chi_squared 
_reflns_shell.pdbx_netI_over_sigmaI_all 
_reflns_shell.pdbx_netI_over_sigmaI_obs 
_reflns_shell.pdbx_Rrim_I_all 
_reflns_shell.pdbx_Rpim_I_all 
_reflns_shell.pdbx_rejects 
_reflns_shell.pdbx_ordinal 
_reflns_shell.pdbx_diffrn_id 
_reflns_shell.pdbx_CC_half 
_reflns_shell.pdbx_CC_star 
_reflns_shell.pdbx_R_split 
_reflns_shell.pdbx_percent_possible_ellipsoidal 
_reflns_shell.pdbx_percent_possible_spherical 
_reflns_shell.pdbx_percent_possible_ellipsoidal_anomalous 
_reflns_shell.pdbx_percent_possible_spherical_anomalous 
_reflns_shell.pdbx_redundancy_anomalous 
_reflns_shell.pdbx_CC_half_anomalous 
_reflns_shell.pdbx_absDiff_over_sigma_anomalous 
_reflns_shell.pdbx_percent_possible_anomalous 
1.200 1.230  ? 2.630 ? ? ? ? 143 92.300  ? ? ? ? 0.386 ? ? ? ? ? ? ? ? 3.133 ? ? ? ? 0.454 ? ? 1  1 0.915 ? ? ? ? ? ? ? ? ? ? 
1.230 1.260  ? 3.030 ? ? ? ? 149 100     ? ? ? ? 0.399 ? ? ? ? ? ? ? ? 3.443 ? ? ? ? 0.475 ? ? 2  1 0.865 ? ? ? ? ? ? ? ? ? ? 
1.260 1.300  ? 3.630 ? ? ? ? 152 95.000  ? ? ? ? 0.363 ? ? ? ? ? ? ? ? 3.954 ? ? ? ? 0.426 ? ? 3  1 0.914 ? ? ? ? ? ? ? ? ? ? 
1.300 1.340  ? 4.330 ? ? ? ? 142 100.000 ? ? ? ? 0.268 ? ? ? ? ? ? ? ? 3.852 ? ? ? ? 0.310 ? ? 4  1 0.937 ? ? ? ? ? ? ? ? ? ? 
1.340 1.380  ? 3.830 ? ? ? ? 129 100.000 ? ? ? ? 0.287 ? ? ? ? ? ? ? ? 4.202 ? ? ? ? 0.328 ? ? 5  1 0.949 ? ? ? ? ? ? ? ? ? ? 
1.380 1.430  ? 4.600 ? ? ? ? 134 98.500  ? ? ? ? 0.249 ? ? ? ? ? ? ? ? 4.239 ? ? ? ? 0.285 ? ? 6  1 0.948 ? ? ? ? ? ? ? ? ? ? 
1.430 1.490  ? 4.690 ? ? ? ? 132 100     ? ? ? ? 0.251 ? ? ? ? ? ? ? ? 3.909 ? ? ? ? 0.292 ? ? 7  1 0.883 ? ? ? ? ? ? ? ? ? ? 
1.490 1.550  ? 5.200 ? ? ? ? 135 98.500  ? ? ? ? 0.255 ? ? ? ? ? ? ? ? 4.267 ? ? ? ? 0.292 ? ? 8  1 0.908 ? ? ? ? ? ? ? ? ? ? 
1.550 1.620  ? 5.500 ? ? ? ? 117 100.0   ? ? ? ? 0.218 ? ? ? ? ? ? ? ? 4.085 ? ? ? ? 0.261 ? ? 9  1 0.846 ? ? ? ? ? ? ? ? ? ? 
1.620 1.700  ? 6.140 ? ? ? ? 121 99.200  ? ? ? ? 0.188 ? ? ? ? ? ? ? ? 4.223 ? ? ? ? 0.213 ? ? 10 1 0.972 ? ? ? ? ? ? ? ? ? ? 
1.700 1.790  ? 6.230 ? ? ? ? 109 99.100  ? ? ? ? 0.190 ? ? ? ? ? ? ? ? 4.174 ? ? ? ? 0.217 ? ? 11 1 0.975 ? ? ? ? ? ? ? ? ? ? 
1.790 1.900  ? 6.990 ? ? ? ? 105 99.100  ? ? ? ? 0.162 ? ? ? ? ? ? ? ? 4.200 ? ? ? ? 0.184 ? ? 12 1 0.985 ? ? ? ? ? ? ? ? ? ? 
1.900 2.030  ? 7.370 ? ? ? ? 103 98.100  ? ? ? ? 0.159 ? ? ? ? ? ? ? ? 4.301 ? ? ? ? 0.180 ? ? 13 1 0.985 ? ? ? ? ? ? ? ? ? ? 
2.030 2.190  ? 7.200 ? ? ? ? 87  100.000 ? ? ? ? 0.178 ? ? ? ? ? ? ? ? 4.126 ? ? ? ? 0.203 ? ? 14 1 0.974 ? ? ? ? ? ? ? ? ? ? 
2.190 2.400  ? 7.680 ? ? ? ? 89  98.900  ? ? ? ? 0.187 ? ? ? ? ? ? ? ? 3.966 ? ? ? ? 0.214 ? ? 15 1 0.971 ? ? ? ? ? ? ? ? ? ? 
2.400 2.680  ? 7.640 ? ? ? ? 80  100.000 ? ? ? ? 0.149 ? ? ? ? ? ? ? ? 4.113 ? ? ? ? 0.173 ? ? 16 1 0.988 ? ? ? ? ? ? ? ? ? ? 
2.680 3.100  ? 8.260 ? ? ? ? 75  100.000 ? ? ? ? 0.153 ? ? ? ? ? ? ? ? 4.000 ? ? ? ? 0.180 ? ? 17 1 0.931 ? ? ? ? ? ? ? ? ? ? 
3.100 3.790  ? 8.200 ? ? ? ? 56  100.000 ? ? ? ? 0.167 ? ? ? ? ? ? ? ? 3.982 ? ? ? ? 0.196 ? ? 18 1 0.971 ? ? ? ? ? ? ? ? ? ? 
3.790 5.360  ? 8.060 ? ? ? ? 50  92.600  ? ? ? ? 0.172 ? ? ? ? ? ? ? ? 3.660 ? ? ? ? 0.200 ? ? 19 1 0.972 ? ? ? ? ? ? ? ? ? ? 
5.360 22.060 ? 7.720 ? ? ? ? 29  96.700  ? ? ? ? 0.184 ? ? ? ? ? ? ? ? 3.310 ? ? ? ? 0.213 ? ? 20 1 0.984 ? ? ? ? ? ? ? ? ? ? 
# 
_refine.aniso_B[1][1]                            -0.3500 
_refine.aniso_B[1][2]                            -0.0000 
_refine.aniso_B[1][3]                            -0.3300 
_refine.aniso_B[2][2]                            -0.3700 
_refine.aniso_B[2][3]                            -0.0000 
_refine.aniso_B[3][3]                            0.7700 
_refine.B_iso_max                                23.790 
_refine.B_iso_mean                               5.3470 
_refine.B_iso_min                                3.060 
_refine.correlation_coeff_Fo_to_Fc               0.9660 
_refine.correlation_coeff_Fo_to_Fc_free          0.9540 
_refine.details                                  
'HYDROGENS HAVE BEEN ADDED IN THE RIDING POSITIONS U VALUES      : REFINED INDIVIDUALLY' 
_refine.diff_density_max                         ? 
_refine.diff_density_max_esd                     ? 
_refine.diff_density_min                         ? 
_refine.diff_density_min_esd                     ? 
_refine.diff_density_rms                         ? 
_refine.diff_density_rms_esd                     ? 
_refine.entry_id                                 7N8R 
_refine.pdbx_refine_id                           'X-RAY DIFFRACTION' 
_refine.ls_abs_structure_details                 ? 
_refine.ls_abs_structure_Flack                   ? 
_refine.ls_abs_structure_Flack_esd               ? 
_refine.ls_abs_structure_Rogers                  ? 
_refine.ls_abs_structure_Rogers_esd              ? 
_refine.ls_d_res_high                            1.2000 
_refine.ls_d_res_low                             22.0600 
_refine.ls_extinction_coef                       ? 
_refine.ls_extinction_coef_esd                   ? 
_refine.ls_extinction_expression                 ? 
_refine.ls_extinction_method                     ? 
_refine.ls_goodness_of_fit_all                   ? 
_refine.ls_goodness_of_fit_all_esd               ? 
_refine.ls_goodness_of_fit_obs                   ? 
_refine.ls_goodness_of_fit_obs_esd               ? 
_refine.ls_hydrogen_treatment                    ? 
_refine.ls_matrix_type                           ? 
_refine.ls_number_constraints                    ? 
_refine.ls_number_parameters                     ? 
_refine.ls_number_reflns_all                     ? 
_refine.ls_number_reflns_obs                     1923 
_refine.ls_number_reflns_R_free                  214 
_refine.ls_number_reflns_R_work                  ? 
_refine.ls_number_restraints                     ? 
_refine.ls_percent_reflns_obs                    98.9800 
_refine.ls_percent_reflns_R_free                 10.0000 
_refine.ls_R_factor_all                          ? 
_refine.ls_R_factor_obs                          0.1460 
_refine.ls_R_factor_R_free                       0.1745 
_refine.ls_R_factor_R_free_error                 ? 
_refine.ls_R_factor_R_free_error_details         ? 
_refine.ls_R_factor_R_work                       0.1429 
_refine.ls_R_Fsqd_factor_obs                     ? 
_refine.ls_R_I_factor_obs                        ? 
_refine.ls_redundancy_reflns_all                 ? 
_refine.ls_redundancy_reflns_obs                 ? 
_refine.ls_restrained_S_all                      ? 
_refine.ls_restrained_S_obs                      ? 
_refine.ls_shift_over_esd_max                    ? 
_refine.ls_shift_over_esd_mean                   ? 
_refine.ls_structure_factor_coef                 ? 
_refine.ls_weighting_details                     ? 
_refine.ls_weighting_scheme                      ? 
_refine.ls_wR_factor_all                         ? 
_refine.ls_wR_factor_obs                         ? 
_refine.ls_wR_factor_R_free                      ? 
_refine.ls_wR_factor_R_work                      ? 
_refine.occupancy_max                            ? 
_refine.occupancy_min                            ? 
_refine.solvent_model_details                    MASK 
_refine.solvent_model_param_bsol                 ? 
_refine.solvent_model_param_ksol                 ? 
_refine.pdbx_R_complete                          ? 
_refine.ls_R_factor_gt                           ? 
_refine.ls_goodness_of_fit_gt                    ? 
_refine.ls_goodness_of_fit_ref                   ? 
_refine.ls_shift_over_su_max                     ? 
_refine.ls_shift_over_su_max_lt                  ? 
_refine.ls_shift_over_su_mean                    ? 
_refine.ls_shift_over_su_mean_lt                 ? 
_refine.pdbx_ls_sigma_I                          ? 
_refine.pdbx_ls_sigma_F                          0.000 
_refine.pdbx_ls_sigma_Fsqd                       ? 
_refine.pdbx_data_cutoff_high_absF               ? 
_refine.pdbx_data_cutoff_high_rms_absF           ? 
_refine.pdbx_data_cutoff_low_absF                ? 
_refine.pdbx_isotropic_thermal_model             ? 
_refine.pdbx_ls_cross_valid_method               THROUGHOUT 
_refine.pdbx_method_to_determine_struct          'MOLECULAR REPLACEMENT' 
_refine.pdbx_starting_model                      ? 
_refine.pdbx_stereochemistry_target_values       'MAXIMUM LIKELIHOOD' 
_refine.pdbx_R_Free_selection_details            RANDOM 
_refine.pdbx_stereochem_target_val_spec_case     ? 
_refine.pdbx_overall_ESU_R                       0.0520 
_refine.pdbx_overall_ESU_R_Free                  0.0480 
_refine.pdbx_solvent_vdw_probe_radii             1.2000 
_refine.pdbx_solvent_ion_probe_radii             0.8000 
_refine.pdbx_solvent_shrinkage_radii             0.8000 
_refine.pdbx_real_space_R                        ? 
_refine.pdbx_density_correlation                 ? 
_refine.pdbx_pd_number_of_powder_patterns        ? 
_refine.pdbx_pd_number_of_points                 ? 
_refine.pdbx_pd_meas_number_of_points            ? 
_refine.pdbx_pd_proc_ls_prof_R_factor            ? 
_refine.pdbx_pd_proc_ls_prof_wR_factor           ? 
_refine.pdbx_pd_Marquardt_correlation_coeff      ? 
_refine.pdbx_pd_Fsqrd_R_factor                   ? 
_refine.pdbx_pd_ls_matrix_band_width             ? 
_refine.pdbx_overall_phase_error                 ? 
_refine.pdbx_overall_SU_R_free_Cruickshank_DPI   ? 
_refine.pdbx_overall_SU_R_free_Blow_DPI          ? 
_refine.pdbx_overall_SU_R_Blow_DPI               ? 
_refine.pdbx_TLS_residual_ADP_flag               ? 
_refine.pdbx_diffrn_id                           1 
_refine.overall_SU_B                             1.6970 
_refine.overall_SU_ML                            0.0330 
_refine.overall_SU_R_Cruickshank_DPI             0.0521 
_refine.overall_SU_R_free                        ? 
_refine.overall_FOM_free_R_set                   ? 
_refine.overall_FOM_work_R_set                   ? 
_refine.pdbx_average_fsc_overall                 ? 
_refine.pdbx_average_fsc_work                    ? 
_refine.pdbx_average_fsc_free                    ? 
# 
_refine_hist.pdbx_refine_id                   'X-RAY DIFFRACTION' 
_refine_hist.cycle_id                         final 
_refine_hist.details                          ? 
_refine_hist.d_res_high                       1.2000 
_refine_hist.d_res_low                        22.0600 
_refine_hist.number_atoms_solvent             2 
_refine_hist.number_atoms_total               93 
_refine_hist.number_reflns_all                ? 
_refine_hist.number_reflns_obs                ? 
_refine_hist.number_reflns_R_free             ? 
_refine_hist.number_reflns_R_work             ? 
_refine_hist.R_factor_all                     ? 
_refine_hist.R_factor_obs                     ? 
_refine_hist.R_factor_R_free                  ? 
_refine_hist.R_factor_R_work                  ? 
_refine_hist.pdbx_number_residues_total       12 
_refine_hist.pdbx_B_iso_mean_ligand           15.58 
_refine_hist.pdbx_B_iso_mean_solvent          8.74 
_refine_hist.pdbx_number_atoms_protein        84 
_refine_hist.pdbx_number_atoms_nucleic_acid   0 
_refine_hist.pdbx_number_atoms_ligand         7 
_refine_hist.pdbx_number_atoms_lipid          ? 
_refine_hist.pdbx_number_atoms_carb           ? 
_refine_hist.pdbx_pseudo_atom_details         ? 
# 
loop_
_refine_ls_restr.pdbx_refine_id 
_refine_ls_restr.criterion 
_refine_ls_restr.dev_ideal 
_refine_ls_restr.dev_ideal_target 
_refine_ls_restr.number 
_refine_ls_restr.rejects 
_refine_ls_restr.type 
_refine_ls_restr.weight 
_refine_ls_restr.pdbx_restraint_function 
'X-RAY DIFFRACTION' ? 0.017  0.013  92  ? r_bond_refined_d       ? ? 
'X-RAY DIFFRACTION' ? 0.001  0.018  70  ? r_bond_other_d         ? ? 
'X-RAY DIFFRACTION' ? 1.968  1.713  121 ? r_angle_refined_deg    ? ? 
'X-RAY DIFFRACTION' ? 1.868  1.673  158 ? r_angle_other_deg      ? ? 
'X-RAY DIFFRACTION' ? 5.914  5.000  10  ? r_dihedral_angle_1_deg ? ? 
'X-RAY DIFFRACTION' ? 10.350 20.000 4   ? r_dihedral_angle_2_deg ? ? 
'X-RAY DIFFRACTION' ? 8.763  15.000 6   ? r_dihedral_angle_3_deg ? ? 
'X-RAY DIFFRACTION' ? 0.087  0.200  8   ? r_chiral_restr         ? ? 
'X-RAY DIFFRACTION' ? 0.011  0.020  118 ? r_gen_planes_refined   ? ? 
'X-RAY DIFFRACTION' ? 0.000  0.020  30  ? r_gen_planes_other     ? ? 
'X-RAY DIFFRACTION' ? 1.550  3.000  162 ? r_rigid_bond_restr     ? ? 
# 
_refine_ls_shell.pdbx_refine_id                   'X-RAY DIFFRACTION' 
_refine_ls_shell.d_res_high                       1.2 
_refine_ls_shell.d_res_low                        1.2300 
_refine_ls_shell.number_reflns_all                ? 
_refine_ls_shell.number_reflns_obs                ? 
_refine_ls_shell.number_reflns_R_free             14 
_refine_ls_shell.number_reflns_R_work             129 
_refine_ls_shell.percent_reflns_obs               94.0800 
_refine_ls_shell.percent_reflns_R_free            ? 
_refine_ls_shell.R_factor_all                     ? 
_refine_ls_shell.R_factor_obs                     ? 
_refine_ls_shell.R_factor_R_free                  0.2920 
_refine_ls_shell.R_factor_R_free_error            0.0000 
_refine_ls_shell.R_factor_R_work                  0.2130 
_refine_ls_shell.redundancy_reflns_all            ? 
_refine_ls_shell.redundancy_reflns_obs            ? 
_refine_ls_shell.wR_factor_all                    ? 
_refine_ls_shell.wR_factor_obs                    ? 
_refine_ls_shell.wR_factor_R_free                 ? 
_refine_ls_shell.wR_factor_R_work                 ? 
_refine_ls_shell.pdbx_R_complete                  ? 
_refine_ls_shell.pdbx_total_number_of_bins_used   ? 
_refine_ls_shell.pdbx_phase_error                 ? 
_refine_ls_shell.pdbx_fsc_work                    ? 
_refine_ls_shell.pdbx_fsc_free                    ? 
# 
_struct.entry_id                     7N8R 
_struct.title                        'FGTGFG segment from the Nucleoporin p54, residues 63-68' 
_struct.pdbx_model_details           'Amyloid Fibril' 
_struct.pdbx_formula_weight          ? 
_struct.pdbx_formula_weight_method   ? 
_struct.pdbx_model_type_details      ? 
_struct.pdbx_CASP_flag               N 
# 
_struct_keywords.entry_id        7N8R 
_struct_keywords.text            'amyloid-like fibril, PROTEIN FIBRIL' 
_struct_keywords.pdbx_keywords   'PROTEIN FIBRIL' 
# 
loop_
_struct_asym.id 
_struct_asym.pdbx_blank_PDB_chainid_flag 
_struct_asym.pdbx_modified 
_struct_asym.entity_id 
_struct_asym.details 
A N N 1 ? 
B N N 1 ? 
C N N 2 ? 
D N N 3 ? 
E N N 3 ? 
# 
_struct_ref.id                         1 
_struct_ref.db_name                    PDB 
_struct_ref.db_code                    7N8R 
_struct_ref.pdbx_db_accession          7N8R 
_struct_ref.pdbx_db_isoform            ? 
_struct_ref.entity_id                  1 
_struct_ref.pdbx_seq_one_letter_code   ? 
_struct_ref.pdbx_align_begin           1 
# 
loop_
_struct_ref_seq.align_id 
_struct_ref_seq.ref_id 
_struct_ref_seq.pdbx_PDB_id_code 
_struct_ref_seq.pdbx_strand_id 
_struct_ref_seq.seq_align_beg 
_struct_ref_seq.pdbx_seq_align_beg_ins_code 
_struct_ref_seq.seq_align_end 
_struct_ref_seq.pdbx_seq_align_end_ins_code 
_struct_ref_seq.pdbx_db_accession 
_struct_ref_seq.db_align_beg 
_struct_ref_seq.pdbx_db_align_beg_ins_code 
_struct_ref_seq.db_align_end 
_struct_ref_seq.pdbx_db_align_end_ins_code 
_struct_ref_seq.pdbx_auth_seq_align_beg 
_struct_ref_seq.pdbx_auth_seq_align_end 
1 1 7N8R A 1 ? 6 ? 7N8R 63 ? 68 ? 63 68 
2 1 7N8R B 1 ? 6 ? 7N8R 63 ? 68 ? 63 68 
# 
_pdbx_struct_assembly.id                   1 
_pdbx_struct_assembly.details              author_defined_assembly 
_pdbx_struct_assembly.method_details       ? 
_pdbx_struct_assembly.oligomeric_details   eicosameric 
_pdbx_struct_assembly.oligomeric_count     20 
# 
loop_
_pdbx_struct_assembly_gen.assembly_id 
_pdbx_struct_assembly_gen.oper_expression 
_pdbx_struct_assembly_gen.asym_id_list 
1 1  A,B,C,D,E 
1 2  A,B,C,D,E 
1 3  A,B,C,D,E 
1 4  A,B,C,D,E 
1 5  A,B,C,D,E 
1 6  A,D       
1 7  A,D       
1 8  A,D       
1 9  A,D       
1 10 A,D       
1 11 B,C,E     
1 12 B,C,E     
1 13 B,C,E     
1 14 B,C,E     
1 15 B,C,E     
# 
_pdbx_struct_assembly_auth_evidence.id                     1 
_pdbx_struct_assembly_auth_evidence.assembly_id            1 
_pdbx_struct_assembly_auth_evidence.experimental_support   none 
_pdbx_struct_assembly_auth_evidence.details                ? 
# 
loop_
_pdbx_struct_oper_list.id 
_pdbx_struct_oper_list.type 
_pdbx_struct_oper_list.name 
_pdbx_struct_oper_list.symmetry_operation 
_pdbx_struct_oper_list.matrix[1][1] 
_pdbx_struct_oper_list.matrix[1][2] 
_pdbx_struct_oper_list.matrix[1][3] 
_pdbx_struct_oper_list.vector[1] 
_pdbx_struct_oper_list.matrix[2][1] 
_pdbx_struct_oper_list.matrix[2][2] 
_pdbx_struct_oper_list.matrix[2][3] 
_pdbx_struct_oper_list.vector[2] 
_pdbx_struct_oper_list.matrix[3][1] 
_pdbx_struct_oper_list.matrix[3][2] 
_pdbx_struct_oper_list.matrix[3][3] 
_pdbx_struct_oper_list.vector[3] 
1  'identity operation'         1_555 x,y,z          1.0000000000  0.0000000000  0.0000000000 0.0000000000   0.0000000000  1.0000000000 0.0000000000  0.0000000000   0.0000000000 0.0000000000  1.0000000000  0.0000000000   
2  'crystal symmetry operation' 1_545 x,y-1,z        1.0000000000  0.0000000000  0.0000000000 -3.0507571371  0.0000000000  1.0000000000 0.0000000000  8.5135314626   0.0000000000 0.0000000000  1.0000000000  -2.5637205241  
3  'crystal symmetry operation' 1_565 x,y+1,z        1.0000000000  0.0000000000  0.0000000000 3.0507571371   0.0000000000  1.0000000000 0.0000000000  -8.5135314626  0.0000000000 0.0000000000  1.0000000000  2.5637205241   
4  'crystal symmetry operation' 1_535 x,y-2,z        1.0000000000  0.0000000000  0.0000000000 -6.1015142743  0.0000000000  1.0000000000 0.0000000000  17.0270629252  0.0000000000 0.0000000000  1.0000000000  -5.1274410481  
5  'crystal symmetry operation' 1_575 x,y+2,z        1.0000000000  0.0000000000  0.0000000000 6.1015142743   0.0000000000  1.0000000000 0.0000000000  -17.0270629252 0.0000000000 0.0000000000  1.0000000000  5.1274410481   
6  'crystal symmetry operation' 2_545 -x,y-1/2,-z    -0.7893363714 -0.5878840396 0.1770323379 -9.3654619106  -0.5878840396 0.6405662735 -0.4940315831 4.0322624848   0.1770323379 -0.4940315831 -0.8512299021 7.3020998662   
7  'crystal symmetry operation' 2_555 -x,y+1/2,-z    -0.7893363714 -0.5878840396 0.1770323379 -6.3147047734  -0.5878840396 0.6405662735 -0.4940315831 -4.4812689778  0.1770323379 -0.4940315831 -0.8512299021 9.8658203902   
8  'crystal symmetry operation' 2_535 -x,y-3/2,-z    -0.7893363714 -0.5878840396 0.1770323379 -12.4162190477 -0.5878840396 0.6405662735 -0.4940315831 12.5457939474  0.1770323379 -0.4940315831 -0.8512299021 4.7383793421   
9  'crystal symmetry operation' 2_565 -x,y+3/2,-z    -0.7893363714 -0.5878840396 0.1770323379 -3.2639476363  -0.5878840396 0.6405662735 -0.4940315831 -12.9948004405 0.1770323379 -0.4940315831 -0.8512299021 12.4295409143  
10 'crystal symmetry operation' 2_525 -x,y-5/2,-z    -0.7893363714 -0.5878840396 0.1770323379 -15.4669761848 -0.5878840396 0.6405662735 -0.4940315831 21.0593254100  0.1770323379 -0.4940315831 -0.8512299021 2.1746588181   
11 'crystal symmetry operation' 2_646 1-x,y-1/2,-z+1 -0.7893363714 -0.5878840396 0.1770323379 6.2919897288   -0.5878840396 0.6405662735 -0.4940315831 4.3371535229   0.1770323379 -0.4940315831 -0.8512299021 -10.3173646848 
12 'crystal symmetry operation' 2_656 1-x,y+1/2,-z+1 -0.7893363714 -0.5878840396 0.1770323379 9.3427468659   -0.5878840396 0.6405662735 -0.4940315831 -4.1763779397  0.1770323379 -0.4940315831 -0.8512299021 -7.7536441607  
13 'crystal symmetry operation' 2_636 1-x,y-3/2,-z+1 -0.7893363714 -0.5878840396 0.1770323379 3.2412325917   -0.5878840396 0.6405662735 -0.4940315831 12.8506849855  0.1770323379 -0.4940315831 -0.8512299021 -12.8810852089 
14 'crystal symmetry operation' 2_666 1-x,y+3/2,-z+1 -0.7893363714 -0.5878840396 0.1770323379 12.3935040030  -0.5878840396 0.6405662735 -0.4940315831 -12.6899094023 0.1770323379 -0.4940315831 -0.8512299021 -5.1899236367  
15 'crystal symmetry operation' 2_626 1-x,y-5/2,-z+1 -0.7893363714 -0.5878840396 0.1770323379 0.1904754545   -0.5878840396 0.6405662735 -0.4940315831 21.3642164481  0.1770323379 -0.4940315831 -0.8512299021 -15.4448057329 
# 
_pdbx_phasing_MR.entry_id                     7N8R 
_pdbx_phasing_MR.method_rotation              ? 
_pdbx_phasing_MR.method_translation           ? 
_pdbx_phasing_MR.model_details                'Phaser MODE: MR_AUTO' 
_pdbx_phasing_MR.R_factor                     ? 
_pdbx_phasing_MR.R_rigid_body                 ? 
_pdbx_phasing_MR.correlation_coeff_Fo_to_Fc   ? 
_pdbx_phasing_MR.correlation_coeff_Io_to_Ic   ? 
_pdbx_phasing_MR.d_res_high_rotation          1.200 
_pdbx_phasing_MR.d_res_low_rotation           22.060 
_pdbx_phasing_MR.d_res_high_translation       1.200 
_pdbx_phasing_MR.d_res_low_translation        22.060 
_pdbx_phasing_MR.packing                      ? 
_pdbx_phasing_MR.reflns_percent_rotation      ? 
_pdbx_phasing_MR.reflns_percent_translation   ? 
_pdbx_phasing_MR.sigma_F_rotation             ? 
_pdbx_phasing_MR.sigma_F_translation          ? 
_pdbx_phasing_MR.sigma_I_rotation             ? 
_pdbx_phasing_MR.sigma_I_translation          ? 
# 
_phasing.method   MR 
# 
_pdbx_entry_details.entry_id                 7N8R 
_pdbx_entry_details.has_ligand_of_interest   N 
_pdbx_entry_details.compound_details         ? 
_pdbx_entry_details.source_details           ? 
_pdbx_entry_details.nonpolymer_details       ? 
_pdbx_entry_details.sequence_details         ? 
# 
loop_
_chem_comp_atom.comp_id 
_chem_comp_atom.atom_id 
_chem_comp_atom.type_symbol 
_chem_comp_atom.pdbx_aromatic_flag 
_chem_comp_atom.pdbx_stereo_config 
_chem_comp_atom.pdbx_ordinal 
GLY N    N N N 1  
GLY CA   C N N 2  
GLY C    C N N 3  
GLY O    O N N 4  
GLY OXT  O N N 5  
GLY H    H N N 6  
GLY H2   H N N 7  
GLY HA2  H N N 8  
GLY HA3  H N N 9  
GLY HXT  H N N 10 
HOH O    O N N 11 
HOH H1   H N N 12 
HOH H2   H N N 13 
PHE N    N N N 14 
PHE CA   C N S 15 
PHE C    C N N 16 
PHE O    O N N 17 
PHE CB   C N N 18 
PHE CG   C Y N 19 
PHE CD1  C Y N 20 
PHE CD2  C Y N 21 
PHE CE1  C Y N 22 
PHE CE2  C Y N 23 
PHE CZ   C Y N 24 
PHE OXT  O N N 25 
PHE H    H N N 26 
PHE H2   H N N 27 
PHE HA   H N N 28 
PHE HB2  H N N 29 
PHE HB3  H N N 30 
PHE HD1  H N N 31 
PHE HD2  H N N 32 
PHE HE1  H N N 33 
PHE HE2  H N N 34 
PHE HZ   H N N 35 
PHE HXT  H N N 36 
TFA C1   C N N 37 
TFA C2   C N N 38 
TFA O    O N N 39 
TFA F1   F N N 40 
TFA F2   F N N 41 
TFA F3   F N N 42 
TFA OXT  O N N 43 
TFA HXT  H N N 44 
THR N    N N N 45 
THR CA   C N S 46 
THR C    C N N 47 
THR O    O N N 48 
THR CB   C N R 49 
THR OG1  O N N 50 
THR CG2  C N N 51 
THR OXT  O N N 52 
THR H    H N N 53 
THR H2   H N N 54 
THR HA   H N N 55 
THR HB   H N N 56 
THR HG1  H N N 57 
THR HG21 H N N 58 
THR HG22 H N N 59 
THR HG23 H N N 60 
THR HXT  H N N 61 
# 
loop_
_chem_comp_bond.comp_id 
_chem_comp_bond.atom_id_1 
_chem_comp_bond.atom_id_2 
_chem_comp_bond.value_order 
_chem_comp_bond.pdbx_aromatic_flag 
_chem_comp_bond.pdbx_stereo_config 
_chem_comp_bond.pdbx_ordinal 
GLY N   CA   sing N N 1  
GLY N   H    sing N N 2  
GLY N   H2   sing N N 3  
GLY CA  C    sing N N 4  
GLY CA  HA2  sing N N 5  
GLY CA  HA3  sing N N 6  
GLY C   O    doub N N 7  
GLY C   OXT  sing N N 8  
GLY OXT HXT  sing N N 9  
HOH O   H1   sing N N 10 
HOH O   H2   sing N N 11 
PHE N   CA   sing N N 12 
PHE N   H    sing N N 13 
PHE N   H2   sing N N 14 
PHE CA  C    sing N N 15 
PHE CA  CB   sing N N 16 
PHE CA  HA   sing N N 17 
PHE C   O    doub N N 18 
PHE C   OXT  sing N N 19 
PHE CB  CG   sing N N 20 
PHE CB  HB2  sing N N 21 
PHE CB  HB3  sing N N 22 
PHE CG  CD1  doub Y N 23 
PHE CG  CD2  sing Y N 24 
PHE CD1 CE1  sing Y N 25 
PHE CD1 HD1  sing N N 26 
PHE CD2 CE2  doub Y N 27 
PHE CD2 HD2  sing N N 28 
PHE CE1 CZ   doub Y N 29 
PHE CE1 HE1  sing N N 30 
PHE CE2 CZ   sing Y N 31 
PHE CE2 HE2  sing N N 32 
PHE CZ  HZ   sing N N 33 
PHE OXT HXT  sing N N 34 
TFA C1  C2   sing N N 35 
TFA C1  O    doub N N 36 
TFA C1  OXT  sing N N 37 
TFA C2  F1   sing N N 38 
TFA C2  F2   sing N N 39 
TFA C2  F3   sing N N 40 
TFA OXT HXT  sing N N 41 
THR N   CA   sing N N 42 
THR N   H    sing N N 43 
THR N   H2   sing N N 44 
THR CA  C    sing N N 45 
THR CA  CB   sing N N 46 
THR CA  HA   sing N N 47 
THR C   O    doub N N 48 
THR C   OXT  sing N N 49 
THR CB  OG1  sing N N 50 
THR CB  CG2  sing N N 51 
THR CB  HB   sing N N 52 
THR OG1 HG1  sing N N 53 
THR CG2 HG21 sing N N 54 
THR CG2 HG22 sing N N 55 
THR CG2 HG23 sing N N 56 
THR OXT HXT  sing N N 57 
# 
_pdbx_audit_support.funding_organization   
'National Institutes of Health/National Institute of General Medical Sciences (NIH/NIGMS)' 
_pdbx_audit_support.country                'United States' 
_pdbx_audit_support.grant_number           GM08042 
_pdbx_audit_support.ordinal                1 
# 
_atom_sites.entry_id                    7N8R 
_atom_sites.Cartn_transf_matrix[1][1]   ? 
_atom_sites.Cartn_transf_matrix[1][2]   ? 
_atom_sites.Cartn_transf_matrix[1][3]   ? 
_atom_sites.Cartn_transf_matrix[2][1]   ? 
_atom_sites.Cartn_transf_matrix[2][2]   ? 
_atom_sites.Cartn_transf_matrix[2][3]   ? 
_atom_sites.Cartn_transf_matrix[3][1]   ? 
_atom_sites.Cartn_transf_matrix[3][2]   ? 
_atom_sites.Cartn_transf_matrix[3][3]   ? 
_atom_sites.Cartn_transf_vector[1]      ? 
_atom_sites.Cartn_transf_vector[2]      ? 
_atom_sites.Cartn_transf_vector[3]      ? 
_atom_sites.fract_transf_matrix[1][1]   0.06321309 
_atom_sites.fract_transf_matrix[1][2]   0.02259489 
_atom_sites.fract_transf_matrix[1][3]   -0.00018937 
_atom_sites.fract_transf_matrix[2][1]   0.03452646 
_atom_sites.fract_transf_matrix[2][2]   -0.09635053 
_atom_sites.fract_transf_matrix[2][3]   0.02901450 
_atom_sites.fract_transf_matrix[3][1]   0.01739744 
_atom_sites.fract_transf_matrix[3][2]   -0.00623357 
_atom_sites.fract_transf_matrix[3][3]   -0.04140274 
_atom_sites.fract_transf_vector[1]      0.251147 
_atom_sites.fract_transf_vector[2]      0.124167 
_atom_sites.fract_transf_vector[3]      0.245199 
_atom_sites.solution_primary            ? 
_atom_sites.solution_secondary          ? 
_atom_sites.solution_hydrogens          ? 
_atom_sites.special_details             ? 
# 
loop_
_atom_type.symbol 
C 
F 
N 
O 
# 
loop_
_atom_site.group_PDB 
_atom_site.id 
_atom_site.type_symbol 
_atom_site.label_atom_id 
_atom_site.label_alt_id 
_atom_site.label_comp_id 
_atom_site.label_asym_id 
_atom_site.label_entity_id 
_atom_site.label_seq_id 
_atom_site.pdbx_PDB_ins_code 
_atom_site.Cartn_x 
_atom_site.Cartn_y 
_atom_site.Cartn_z 
_atom_site.occupancy 
_atom_site.B_iso_or_equiv 
_atom_site.pdbx_formal_charge 
_atom_site.auth_seq_id 
_atom_site.auth_comp_id 
_atom_site.auth_asym_id 
_atom_site.auth_atom_id 
_atom_site.pdbx_PDB_model_num 
ATOM   1  N N   . PHE A 1 1 ? 4.952   3.391  2.005   1.00 4.13  ? 63  PHE A N   1 
ATOM   2  C CA  . PHE A 1 1 ? 3.520   3.631  1.651   1.00 3.46  ? 63  PHE A CA  1 
ATOM   3  C C   . PHE A 1 1 ? 2.669   2.698  2.511   1.00 3.22  ? 63  PHE A C   1 
ATOM   4  O O   . PHE A 1 1 ? 3.183   1.740  3.080   1.00 4.42  ? 63  PHE A O   1 
ATOM   5  C CB  . PHE A 1 1 ? 3.306   3.296  0.176   1.00 4.14  ? 63  PHE A CB  1 
ATOM   6  C CG  . PHE A 1 1 ? 3.527   1.852  -0.188  1.00 5.44  ? 63  PHE A CG  1 
ATOM   7  C CD1 . PHE A 1 1 ? 4.783   1.371  -0.524  1.00 5.59  ? 63  PHE A CD1 1 
ATOM   8  C CD2 . PHE A 1 1 ? 2.460   0.974  -0.146  1.00 6.41  ? 63  PHE A CD2 1 
ATOM   9  C CE1 . PHE A 1 1 ? 4.959   0.028  -0.820  1.00 7.75  ? 63  PHE A CE1 1 
ATOM   10 C CE2 . PHE A 1 1 ? 2.630   -0.359 -0.471  1.00 7.09  ? 63  PHE A CE2 1 
ATOM   11 C CZ  . PHE A 1 1 ? 3.880   -0.836 -0.784  1.00 7.57  ? 63  PHE A CZ  1 
ATOM   12 N N   . GLY A 1 2 ? 1.371   2.943  2.579   1.00 3.96  ? 64  GLY A N   1 
ATOM   13 C CA  . GLY A 1 2 ? 0.479   2.063  3.322   1.00 4.46  ? 64  GLY A CA  1 
ATOM   14 C C   . GLY A 1 2 ? -0.951  2.325  2.932   1.00 3.89  ? 64  GLY A C   1 
ATOM   15 O O   . GLY A 1 2 ? -1.259  3.375  2.321   1.00 4.88  ? 64  GLY A O   1 
ATOM   16 N N   . THR A 1 3 ? -1.802  1.356  3.271   1.00 3.96  ? 65  THR A N   1 
ATOM   17 C CA  . THR A 1 3 ? -3.240  1.494  2.984   1.00 3.60  ? 65  THR A CA  1 
ATOM   18 C C   . THR A 1 3 ? -4.011  0.617  3.950   1.00 3.27  ? 65  THR A C   1 
ATOM   19 O O   . THR A 1 3 ? -3.440  -0.348 4.518   1.00 4.06  ? 65  THR A O   1 
ATOM   20 C CB  . THR A 1 3 ? -3.556  1.168  1.517   1.00 4.66  ? 65  THR A CB  1 
ATOM   21 O OG1 . THR A 1 3 ? -4.889  1.589  1.206   1.00 5.95  ? 65  THR A OG1 1 
ATOM   22 C CG2 . THR A 1 3 ? -3.378  -0.285 1.169   1.00 5.88  ? 65  THR A CG2 1 
ATOM   23 N N   . GLY A 1 4 ? -5.291  0.923  4.126   1.00 3.65  ? 66  GLY A N   1 
ATOM   24 C CA  . GLY A 1 4 ? -6.180  0.053  4.899   1.00 3.82  ? 66  GLY A CA  1 
ATOM   25 C C   . GLY A 1 4 ? -7.613  0.406  4.595   1.00 4.03  ? 66  GLY A C   1 
ATOM   26 O O   . GLY A 1 4 ? -7.921  1.475  4.070   1.00 4.41  ? 66  GLY A O   1 
ATOM   27 N N   . PHE A 1 5 ? -8.479  -0.519 4.964   1.00 3.54  ? 67  PHE A N   1 
ATOM   28 C CA  . PHE A 1 5 ? -9.928  -0.283 4.821   1.00 3.06  ? 67  PHE A CA  1 
ATOM   29 C C   . PHE A 1 5 ? -10.639 -1.052 5.922   1.00 3.22  ? 67  PHE A C   1 
ATOM   30 O O   . PHE A 1 5 ? -10.131 -1.980 6.530   1.00 3.75  ? 67  PHE A O   1 
ATOM   31 C CB  . PHE A 1 5 ? -10.411 -0.771 3.452   1.00 4.83  ? 67  PHE A CB  1 
ATOM   32 C CG  . PHE A 1 5 ? -10.553 -2.276 3.379   1.00 5.78  ? 67  PHE A CG  1 
ATOM   33 C CD1 . PHE A 1 5 ? -9.449  -3.090 3.139   1.00 6.27  ? 67  PHE A CD1 1 
ATOM   34 C CD2 . PHE A 1 5 ? -11.772 -2.873 3.687   1.00 7.00  ? 67  PHE A CD2 1 
ATOM   35 C CE1 . PHE A 1 5 ? -9.585  -4.476 3.178   1.00 7.96  ? 67  PHE A CE1 1 
ATOM   36 C CE2 . PHE A 1 5 ? -11.901 -4.239 3.726   1.00 8.07  ? 67  PHE A CE2 1 
ATOM   37 C CZ  . PHE A 1 5 ? -10.803 -5.034 3.504   1.00 8.18  ? 67  PHE A CZ  1 
ATOM   38 N N   . GLY A 1 6 ? -11.876 -0.636 6.145   1.00 3.53  ? 68  GLY A N   1 
ATOM   39 C CA  . GLY A 1 6 ? -12.768 -1.416 7.016   1.00 4.09  ? 68  GLY A CA  1 
ATOM   40 C C   . GLY A 1 6 ? -14.241 -1.078 6.813   1.00 4.44  ? 68  GLY A C   1 
ATOM   41 O O   . GLY A 1 6 ? -15.048 -1.790 7.485   1.00 5.76  ? 68  GLY A O   1 
ATOM   42 O OXT . GLY A 1 6 ? -14.625 -0.167 6.048   1.00 4.46  ? 68  GLY A OXT 1 
ATOM   43 N N   . PHE B 1 1 ? -4.904  -3.564 -2.420  1.00 4.05  ? 63  PHE B N   1 
ATOM   44 C CA  . PHE B 1 1 ? -3.505  -3.957 -2.701  1.00 3.81  ? 63  PHE B CA  1 
ATOM   45 C C   . PHE B 1 1 ? -2.613  -2.715 -2.564  1.00 4.49  ? 63  PHE B C   1 
ATOM   46 O O   . PHE B 1 1 ? -3.090  -1.564 -2.558  1.00 5.01  ? 63  PHE B O   1 
ATOM   47 C CB  . PHE B 1 1 ? -3.408  -4.570 -4.096  1.00 4.47  ? 63  PHE B CB  1 
ATOM   48 C CG  . PHE B 1 1 ? -3.946  -3.696 -5.197  1.00 6.26  ? 63  PHE B CG  1 
ATOM   49 C CD1 . PHE B 1 1 ? -3.265  -2.592 -5.649  1.00 6.59  ? 63  PHE B CD1 1 
ATOM   50 C CD2 . PHE B 1 1 ? -5.148  -4.012 -5.822  1.00 7.33  ? 63  PHE B CD2 1 
ATOM   51 C CE1 . PHE B 1 1 ? -3.785  -1.779 -6.652  1.00 8.13  ? 63  PHE B CE1 1 
ATOM   52 C CE2 . PHE B 1 1 ? -5.672  -3.202 -6.813  1.00 8.38  ? 63  PHE B CE2 1 
ATOM   53 C CZ  . PHE B 1 1 ? -4.997  -2.087 -7.231  1.00 8.67  ? 63  PHE B CZ  1 
ATOM   54 N N   . GLY B 1 2 ? -1.316  -2.967 -2.486  1.00 4.31  ? 64  GLY B N   1 
ATOM   55 C CA  . GLY B 1 2 ? -0.322  -1.881 -2.422  1.00 4.67  ? 64  GLY B CA  1 
ATOM   56 C C   . GLY B 1 2 ? 0.984   -2.359 -3.006  1.00 3.82  ? 64  GLY B C   1 
ATOM   57 O O   . GLY B 1 2 ? 1.248   -3.548 -2.976  1.00 5.50  ? 64  GLY B O   1 
ATOM   58 N N   . THR B 1 3 ? 1.739   -1.448 -3.610  1.00 3.92  ? 65  THR B N   1 
ATOM   59 C CA  . THR B 1 3 ? 3.020   -1.827 -4.205  1.00 4.11  ? 65  THR B CA  1 
ATOM   60 C C   . THR B 1 3 ? 3.975   -0.640 -4.161  1.00 5.08  ? 65  THR B C   1 
ATOM   61 O O   . THR B 1 3 ? 3.557   0.501  -4.162  1.00 5.14  ? 65  THR B O   1 
ATOM   62 C CB  . THR B 1 3 ? 2.780   -2.363 -5.611  1.00 6.10  ? 65  THR B CB  1 
ATOM   63 O OG1 . THR B 1 3 ? 3.995   -2.923 -6.108  1.00 8.84  ? 65  THR B OG1 1 
ATOM   64 C CG2 . THR B 1 3 ? 2.296   -1.275 -6.531  1.00 7.00  ? 65  THR B CG2 1 
ATOM   65 N N   . GLY B 1 4 ? 5.241   -0.955 -4.161  1.00 4.99  ? 66  GLY B N   1 
ATOM   66 C CA  . GLY B 1 4 ? 6.266   0.077  -4.306  1.00 6.19  ? 66  GLY B CA  1 
ATOM   67 C C   . GLY B 1 4 ? 7.591   -0.507 -4.741  1.00 4.92  ? 66  GLY B C   1 
ATOM   68 O O   . GLY B 1 4 ? 7.830   -1.699 -4.638  1.00 6.36  ? 66  GLY B O   1 
ATOM   69 N N   . PHE B 1 5 ? 8.399   0.330  -5.357  1.00 4.12  ? 67  PHE B N   1 
ATOM   70 C CA  . PHE B 1 5 ? 9.779   -0.030 -5.732  1.00 3.46  ? 67  PHE B CA  1 
ATOM   71 C C   . PHE B 1 5 ? 10.646  1.199  -5.535  1.00 4.49  ? 67  PHE B C   1 
ATOM   72 O O   . PHE B 1 5 ? 10.169  2.336  -5.591  1.00 4.70  ? 67  PHE B O   1 
ATOM   73 C CB  . PHE B 1 5 ? 9.802   -0.579 -7.150  1.00 4.99  ? 67  PHE B CB  1 
ATOM   74 C CG  . PHE B 1 5 ? 9.266   0.374  -8.175  1.00 6.27  ? 67  PHE B CG  1 
ATOM   75 C CD1 . PHE B 1 5 ? 10.030  1.416  -8.671  1.00 5.76  ? 67  PHE B CD1 1 
ATOM   76 C CD2 . PHE B 1 5 ? 7.964   0.217  -8.625  1.00 7.68  ? 67  PHE B CD2 1 
ATOM   77 C CE1 . PHE B 1 5 ? 9.476   2.296  -9.569  1.00 7.37  ? 67  PHE B CE1 1 
ATOM   78 C CE2 . PHE B 1 5 ? 7.431   1.083  -9.555  1.00 6.47  ? 67  PHE B CE2 1 
ATOM   79 C CZ  . PHE B 1 5 ? 8.188   2.126  -10.031 1.00 6.51  ? 67  PHE B CZ  1 
ATOM   80 N N   . GLY B 1 6 ? 11.942  0.944  -5.389  1.00 4.49  ? 68  GLY B N   1 
ATOM   81 C CA  . GLY B 1 6 ? 12.878  2.075  -5.325  1.00 5.11  ? 68  GLY B CA  1 
ATOM   82 C C   . GLY B 1 6 ? 14.291  1.630  -4.988  1.00 6.20  ? 68  GLY B C   1 
ATOM   83 O O   . GLY B 1 6 ? 15.096  2.542  -4.794  1.00 5.93  ? 68  GLY B O   1 
ATOM   84 O OXT . GLY B 1 6 ? 14.568  0.447  -4.877  1.00 5.79  ? 68  GLY B OXT 1 
HETATM 85 C C1  . TFA C 2 . ? -4.972  -4.381 0.840   1.00 10.46 ? 101 TFA B C1  1 
HETATM 86 C C2  . TFA C 2 . ? -5.114  -4.386 2.332   1.00 14.21 ? 101 TFA B C2  1 
HETATM 87 O O   . TFA C 2 . ? -5.294  -3.328 0.293   1.00 8.31  ? 101 TFA B O   1 
HETATM 88 F F1  . TFA C 2 . ? -5.837  -3.432 2.789   1.00 23.25 ? 101 TFA B F1  1 
HETATM 89 F F2  . TFA C 2 . ? -5.584  -5.464 2.841   1.00 20.28 ? 101 TFA B F2  1 
HETATM 90 F F3  . TFA C 2 . ? -4.050  -4.239 2.920   1.00 23.79 ? 101 TFA B F3  1 
HETATM 91 O OXT . TFA C 2 . ? -4.501  -5.409 0.351   1.00 8.77  ? 101 TFA B OXT 1 
HETATM 92 O O   . HOH D 3 . ? -6.381  0.721  -1.082  1.00 8.54  ? 101 HOH A O   1 
HETATM 93 O O   . HOH E 3 . ? -7.517  -1.785 -0.432  1.00 8.95  ? 201 HOH B O   1 
# 
